data_3T25
#
_entry.id   3T25
#
_cell.length_a   54.934
_cell.length_b   58.576
_cell.length_c   67.941
_cell.angle_alpha   90.00
_cell.angle_beta   90.00
_cell.angle_gamma   90.00
#
_symmetry.space_group_name_H-M   'P 21 21 21'
#
loop_
_entity.id
_entity.type
_entity.pdbx_description
1 polymer 'Cationic trypsin'
2 non-polymer 'CALCIUM ION'
3 non-polymer 'SULFATE ION'
4 non-polymer BENZAMIDINE
5 non-polymer 'trimethylamine oxide'
6 water water
#
_entity_poly.entity_id   1
_entity_poly.type   'polypeptide(L)'
_entity_poly.pdbx_seq_one_letter_code
;IVGGYTCGANTVPYQVSLNSGYHFCGGSLINSQWVVSAAHCYKSGIQVRLGEDNINVVEGNEQFISASKSIVHPSYNSNT
LNNDIMLIKLKSAASLNSRVASISLPTSCASAGTQCLISGWGNTKSSGTSYPDVLKCLKAPILSDSSCKSAYPGQITSNM
FCAGYLEGGKDSCQGDSGGPVVCSGKLQGIVSWGSGCAQKNKPGVYTKVCNYVSWIKQTIASN
;
_entity_poly.pdbx_strand_id   A
#
loop_
_chem_comp.id
_chem_comp.type
_chem_comp.name
_chem_comp.formula
BEN non-polymer BENZAMIDINE 'C7 H8 N2'
CA non-polymer 'CALCIUM ION' 'Ca 2'
SO4 non-polymer 'SULFATE ION' 'O4 S -2'
TMO non-polymer 'trimethylamine oxide' 'C3 H9 N O'
#
# COMPACT_ATOMS: atom_id res chain seq x y z
N ILE A 1 -2.49 -10.73 -2.39
CA ILE A 1 -1.46 -10.86 -3.48
C ILE A 1 -1.68 -12.21 -4.18
N VAL A 2 -1.81 -12.19 -5.50
CA VAL A 2 -2.01 -13.38 -6.33
C VAL A 2 -0.67 -13.67 -7.01
N GLY A 3 -0.24 -14.92 -6.93
CA GLY A 3 0.96 -15.37 -7.63
C GLY A 3 2.26 -14.90 -7.00
N GLY A 4 2.22 -14.57 -5.71
CA GLY A 4 3.41 -14.09 -5.01
C GLY A 4 4.08 -15.19 -4.20
N TYR A 5 4.86 -14.80 -3.21
CA TYR A 5 5.59 -15.75 -2.38
C TYR A 5 5.43 -15.34 -0.94
N THR A 6 5.67 -16.27 -0.02
CA THR A 6 5.62 -15.94 1.39
C THR A 6 6.83 -15.09 1.77
N CYS A 7 6.60 -13.87 2.26
CA CYS A 7 7.72 -12.93 2.53
C CYS A 7 8.75 -13.47 3.50
N GLY A 8 8.26 -14.00 4.61
CA GLY A 8 9.09 -14.42 5.72
C GLY A 8 8.81 -13.43 6.85
N ALA A 9 8.75 -13.90 8.08
CA ALA A 9 8.44 -12.99 9.20
C ALA A 9 9.35 -11.76 9.33
N ASN A 10 8.73 -10.57 9.36
CA ASN A 10 9.39 -9.28 9.59
C ASN A 10 10.46 -8.89 8.56
N THR A 11 10.29 -9.40 7.34
CA THR A 11 11.23 -9.08 6.26
C THR A 11 10.78 -7.80 5.56
N VAL A 12 9.58 -7.32 5.91
CA VAL A 12 9.00 -6.13 5.32
C VAL A 12 8.61 -5.24 6.52
N PRO A 13 9.61 -4.60 7.15
CA PRO A 13 9.38 -4.10 8.52
C PRO A 13 8.52 -2.86 8.61
N TYR A 14 8.27 -2.22 7.47
CA TYR A 14 7.42 -1.03 7.41
C TYR A 14 5.96 -1.37 7.11
N GLN A 15 5.65 -2.62 6.83
CA GLN A 15 4.28 -3.03 6.53
C GLN A 15 3.41 -2.98 7.78
N VAL A 16 2.26 -2.34 7.69
CA VAL A 16 1.29 -2.36 8.79
C VAL A 16 -0.02 -3.01 8.35
N SER A 17 -0.76 -3.51 9.33
CA SER A 17 -2.14 -3.97 9.08
C SER A 17 -3.05 -2.98 9.77
N LEU A 18 -4.11 -2.54 9.10
CA LEU A 18 -5.08 -1.67 9.74
C LEU A 18 -6.22 -2.59 10.22
N ASN A 19 -6.58 -2.46 11.49
CA ASN A 19 -7.49 -3.39 12.12
C ASN A 19 -8.69 -2.64 12.72
N SER A 20 -9.93 -3.09 12.46
CA SER A 20 -11.14 -2.54 13.14
C SER A 20 -11.93 -3.74 13.67
N GLY A 21 -11.23 -4.67 14.31
CA GLY A 21 -11.82 -5.94 14.75
C GLY A 21 -11.39 -7.10 13.85
N TYR A 22 -10.71 -6.75 12.75
CA TYR A 22 -10.31 -7.69 11.70
C TYR A 22 -9.42 -6.86 10.78
N HIS A 23 -8.51 -7.53 10.09
CA HIS A 23 -7.68 -6.81 9.09
C HIS A 23 -8.55 -6.34 7.94
N PHE A 24 -8.40 -5.08 7.54
CA PHE A 24 -9.15 -4.61 6.37
C PHE A 24 -8.31 -3.89 5.30
N CYS A 25 -7.08 -3.47 5.64
CA CYS A 25 -6.25 -2.73 4.68
C CYS A 25 -4.81 -2.78 5.16
N GLY A 26 -3.90 -2.55 4.23
CA GLY A 26 -2.49 -2.35 4.58
C GLY A 26 -2.15 -0.88 4.76
N GLY A 27 -0.88 -0.63 5.09
CA GLY A 27 -0.36 0.72 5.19
C GLY A 27 1.14 0.62 5.35
N SER A 28 1.82 1.79 5.41
CA SER A 28 3.28 1.85 5.51
C SER A 28 3.65 2.82 6.60
N LEU A 29 4.58 2.40 7.46
CA LEU A 29 5.06 3.30 8.51
C LEU A 29 6.11 4.22 7.90
N ILE A 30 5.92 5.54 8.03
CA ILE A 30 6.85 6.51 7.41
C ILE A 30 7.68 7.28 8.45
N ASN A 31 7.28 7.20 9.71
CA ASN A 31 8.15 7.56 10.84
C ASN A 31 7.54 6.99 12.10
N SER A 32 8.07 7.31 13.27
CA SER A 32 7.60 6.58 14.45
C SER A 32 6.14 6.88 14.82
N GLN A 33 5.56 7.95 14.28
CA GLN A 33 4.18 8.28 14.68
C GLN A 33 3.16 8.37 13.53
N TRP A 34 3.58 8.09 12.29
CA TRP A 34 2.70 8.30 11.15
C TRP A 34 2.74 7.16 10.17
N VAL A 35 1.55 6.85 9.67
CA VAL A 35 1.31 5.78 8.70
C VAL A 35 0.65 6.36 7.46
N VAL A 36 1.03 5.88 6.28
CA VAL A 36 0.33 6.26 5.05
C VAL A 36 -0.45 5.06 4.49
N SER A 37 -1.65 5.31 4.01
CA SER A 37 -2.49 4.25 3.46
C SER A 37 -3.31 4.86 2.31
N ALA A 38 -4.33 4.15 1.83
CA ALA A 38 -5.21 4.63 0.78
C ALA A 38 -6.41 5.33 1.44
N ALA A 39 -6.85 6.43 0.83
CA ALA A 39 -8.03 7.13 1.28
C ALA A 39 -9.27 6.24 1.26
N HIS A 40 -9.33 5.29 0.32
CA HIS A 40 -10.51 4.42 0.24
C HIS A 40 -10.58 3.41 1.41
N CYS A 41 -9.48 3.31 2.16
CA CYS A 41 -9.39 2.54 3.41
C CYS A 41 -9.94 3.31 4.62
N TYR A 42 -10.38 4.56 4.44
CA TYR A 42 -10.80 5.35 5.59
C TYR A 42 -11.92 4.65 6.40
N LYS A 43 -11.76 4.65 7.73
CA LYS A 43 -12.75 4.23 8.73
C LYS A 43 -12.46 5.00 9.99
N SER A 44 -13.46 5.14 10.86
CA SER A 44 -13.26 5.68 12.21
CA SER A 44 -13.21 5.68 12.20
C SER A 44 -12.86 4.50 13.11
N GLY A 45 -12.06 4.74 14.15
CA GLY A 45 -11.73 3.67 15.14
C GLY A 45 -10.70 2.63 14.68
N ILE A 46 -9.66 3.07 14.00
CA ILE A 46 -8.63 2.18 13.45
C ILE A 46 -7.58 1.86 14.52
N GLN A 47 -7.17 0.59 14.61
CA GLN A 47 -5.98 0.21 15.36
C GLN A 47 -4.89 -0.18 14.39
N VAL A 48 -3.70 0.40 14.52
CA VAL A 48 -2.62 0.05 13.59
C VAL A 48 -1.81 -1.11 14.21
N ARG A 49 -1.52 -2.15 13.44
CA ARG A 49 -0.77 -3.28 14.00
C ARG A 49 0.55 -3.39 13.29
N LEU A 50 1.61 -3.18 14.05
CA LEU A 50 2.97 -3.23 13.51
C LEU A 50 3.66 -4.54 13.86
N GLY A 51 4.75 -4.90 13.13
CA GLY A 51 5.49 -6.11 13.53
C GLY A 51 4.78 -7.43 13.27
N GLU A 52 3.76 -7.40 12.40
CA GLU A 52 2.92 -8.56 12.09
C GLU A 52 3.56 -9.46 11.05
N ASP A 53 3.42 -10.76 11.26
CA ASP A 53 3.53 -11.73 10.18
C ASP A 53 2.21 -12.48 10.11
N ASN A 54 1.99 -13.42 11.02
CA ASN A 54 0.68 -14.09 11.05
C ASN A 54 -0.31 -13.16 11.80
N ILE A 55 -1.33 -12.68 11.10
CA ILE A 55 -2.25 -11.69 11.72
C ILE A 55 -3.26 -12.34 12.66
N ASN A 56 -3.24 -13.68 12.73
CA ASN A 56 -4.14 -14.42 13.61
C ASN A 56 -3.45 -15.05 14.81
N VAL A 57 -2.13 -14.86 14.96
CA VAL A 57 -1.36 -15.49 16.05
C VAL A 57 -0.44 -14.42 16.64
N VAL A 58 -0.40 -14.30 17.97
CA VAL A 58 0.54 -13.35 18.61
C VAL A 58 1.87 -14.09 18.64
N GLU A 59 2.83 -13.56 17.88
CA GLU A 59 4.13 -14.20 17.69
C GLU A 59 5.25 -13.55 18.49
N GLY A 60 5.03 -12.34 18.98
CA GLY A 60 6.00 -11.69 19.88
C GLY A 60 6.65 -10.40 19.44
N ASN A 61 6.53 -10.03 18.18
CA ASN A 61 7.10 -8.77 17.76
C ASN A 61 6.08 -7.69 17.46
N GLU A 62 4.83 -7.94 17.80
CA GLU A 62 3.77 -6.97 17.46
C GLU A 62 3.76 -5.73 18.34
N GLN A 63 3.34 -4.63 17.74
CA GLN A 63 2.94 -3.43 18.50
C GLN A 63 1.57 -3.03 18.00
N PHE A 64 0.61 -2.90 18.91
CA PHE A 64 -0.74 -2.44 18.57
C PHE A 64 -0.94 -1.03 19.11
N ILE A 65 -1.24 -0.08 18.22
CA ILE A 65 -1.38 1.33 18.62
C ILE A 65 -2.60 1.94 17.94
N SER A 66 -3.50 2.50 18.72
CA SER A 66 -4.67 3.20 18.14
C SER A 66 -4.32 4.48 17.37
N ALA A 67 -5.13 4.80 16.34
CA ALA A 67 -5.00 6.04 15.61
C ALA A 67 -5.60 7.20 16.44
N SER A 68 -4.92 8.33 16.47
CA SER A 68 -5.46 9.54 17.12
C SER A 68 -6.11 10.47 16.12
N LYS A 69 -5.68 10.39 14.87
CA LYS A 69 -6.17 11.34 13.86
C LYS A 69 -5.96 10.72 12.48
N SER A 70 -6.96 10.85 11.62
CA SER A 70 -6.82 10.44 10.20
C SER A 70 -7.04 11.64 9.31
N ILE A 71 -6.25 11.75 8.24
CA ILE A 71 -6.36 12.89 7.34
C ILE A 71 -6.40 12.36 5.91
N VAL A 72 -7.58 12.40 5.30
CA VAL A 72 -7.75 11.97 3.90
C VAL A 72 -7.28 13.14 3.04
N HIS A 73 -6.67 12.85 1.90
CA HIS A 73 -6.18 13.93 1.04
C HIS A 73 -7.31 14.94 0.73
N PRO A 74 -7.01 16.24 0.74
CA PRO A 74 -8.08 17.22 0.53
C PRO A 74 -8.84 17.02 -0.80
N SER A 75 -8.19 16.42 -1.79
CA SER A 75 -8.76 16.29 -3.15
C SER A 75 -9.15 14.86 -3.53
N TYR A 76 -9.25 13.97 -2.55
CA TYR A 76 -9.68 12.61 -2.80
C TYR A 76 -11.05 12.58 -3.45
N ASN A 77 -11.14 11.84 -4.57
CA ASN A 77 -12.42 11.66 -5.24
C ASN A 77 -12.75 10.17 -5.25
N SER A 78 -13.81 9.80 -4.50
CA SER A 78 -14.09 8.38 -4.29
C SER A 78 -14.65 7.68 -5.54
N ASN A 79 -15.15 8.46 -6.50
CA ASN A 79 -15.65 7.88 -7.76
C ASN A 79 -14.54 7.49 -8.72
N THR A 80 -13.53 8.37 -8.85
CA THR A 80 -12.40 8.17 -9.75
C THR A 80 -11.18 7.55 -9.07
N LEU A 81 -11.13 7.63 -7.74
CA LEU A 81 -9.98 7.23 -6.91
C LEU A 81 -8.75 8.09 -7.16
N ASN A 82 -8.95 9.24 -7.79
CA ASN A 82 -7.88 10.25 -7.89
C ASN A 82 -7.50 10.75 -6.46
N ASN A 83 -6.19 10.80 -6.19
CA ASN A 83 -5.66 11.22 -4.89
C ASN A 83 -6.04 10.24 -3.79
N ASP A 84 -5.93 8.94 -4.09
CA ASP A 84 -6.21 7.87 -3.12
C ASP A 84 -5.04 7.72 -2.12
N ILE A 85 -5.05 8.59 -1.13
CA ILE A 85 -3.99 8.61 -0.14
C ILE A 85 -4.50 9.24 1.16
N MET A 86 -4.09 8.69 2.30
CA MET A 86 -4.51 9.15 3.61
CA MET A 86 -4.43 9.31 3.57
C MET A 86 -3.33 9.05 4.59
N LEU A 87 -3.28 9.93 5.57
CA LEU A 87 -2.31 9.81 6.65
C LEU A 87 -3.02 9.47 7.95
N ILE A 88 -2.38 8.63 8.74
CA ILE A 88 -2.91 8.22 10.05
C ILE A 88 -1.84 8.54 11.09
N LYS A 89 -2.20 9.35 12.07
CA LYS A 89 -1.28 9.59 13.20
C LYS A 89 -1.56 8.60 14.35
N LEU A 90 -0.51 8.03 14.91
CA LEU A 90 -0.61 7.08 16.01
C LEU A 90 -0.73 7.82 17.35
N LYS A 91 -1.47 7.23 18.30
CA LYS A 91 -1.65 7.85 19.63
C LYS A 91 -0.34 7.97 20.39
N SER A 92 0.57 7.06 20.13
CA SER A 92 1.94 7.14 20.65
C SER A 92 2.93 6.57 19.66
N ALA A 93 4.19 6.99 19.79
CA ALA A 93 5.26 6.61 18.88
C ALA A 93 5.58 5.15 19.00
N ALA A 94 5.71 4.49 17.84
CA ALA A 94 6.20 3.13 17.79
C ALA A 94 7.66 3.06 18.21
N SER A 95 8.03 1.88 18.70
CA SER A 95 9.42 1.53 19.01
CA SER A 95 9.42 1.54 19.02
C SER A 95 10.08 0.92 17.78
N LEU A 96 11.08 1.62 17.23
CA LEU A 96 11.75 1.20 15.98
C LEU A 96 13.05 0.44 16.24
N ASN A 97 13.30 -0.58 15.40
CA ASN A 97 14.41 -1.61 15.45
C ASN A 97 14.51 -2.31 14.04
N SER A 98 15.10 -3.52 13.90
CA SER A 98 15.21 -4.16 12.56
CA SER A 98 15.20 -4.15 12.56
C SER A 98 13.91 -4.78 12.03
N ARG A 99 13.04 -5.20 12.94
CA ARG A 99 11.75 -5.82 12.59
C ARG A 99 10.58 -4.85 12.46
N VAL A 100 10.68 -3.66 13.06
CA VAL A 100 9.70 -2.58 12.86
C VAL A 100 10.51 -1.33 12.52
N ALA A 101 10.31 -0.82 11.32
CA ALA A 101 11.14 0.24 10.78
C ALA A 101 10.32 1.10 9.84
N SER A 102 10.73 2.35 9.67
CA SER A 102 10.04 3.25 8.73
C SER A 102 10.64 3.06 7.35
N ILE A 103 9.88 3.44 6.34
CA ILE A 103 10.35 3.45 4.96
C ILE A 103 10.47 4.91 4.51
N SER A 104 11.55 5.22 3.79
CA SER A 104 11.77 6.57 3.27
C SER A 104 10.82 6.96 2.16
N LEU A 105 10.48 8.25 2.19
CA LEU A 105 9.75 8.92 1.10
C LEU A 105 10.69 9.17 -0.08
N PRO A 106 10.17 9.10 -1.31
CA PRO A 106 11.03 9.29 -2.47
C PRO A 106 11.46 10.73 -2.63
N THR A 107 12.64 10.90 -3.24
CA THR A 107 13.19 12.19 -3.68
C THR A 107 12.72 12.46 -5.12
N SER A 108 12.63 11.40 -5.92
CA SER A 108 12.19 11.52 -7.31
C SER A 108 11.20 10.42 -7.63
N CYS A 109 10.50 10.57 -8.74
CA CYS A 109 9.54 9.57 -9.21
C CYS A 109 10.28 8.43 -9.92
N ALA A 110 9.83 7.21 -9.71
CA ALA A 110 10.45 6.04 -10.31
C ALA A 110 10.01 5.92 -11.75
N SER A 111 10.90 5.40 -12.58
CA SER A 111 10.60 5.22 -14.01
C SER A 111 9.95 3.85 -14.35
N ALA A 112 9.24 3.76 -15.49
CA ALA A 112 8.82 2.49 -16.10
C ALA A 112 10.03 1.55 -16.23
N GLY A 113 9.82 0.30 -15.89
CA GLY A 113 10.85 -0.70 -15.95
C GLY A 113 11.51 -0.98 -14.60
N THR A 114 11.34 -0.08 -13.64
CA THR A 114 11.89 -0.26 -12.29
C THR A 114 11.17 -1.41 -11.58
N GLN A 115 11.94 -2.29 -10.95
CA GLN A 115 11.37 -3.40 -10.21
C GLN A 115 11.00 -2.95 -8.79
N CYS A 116 9.82 -3.38 -8.32
CA CYS A 116 9.33 -2.94 -7.02
C CYS A 116 8.81 -4.13 -6.21
N LEU A 117 8.76 -3.97 -4.91
CA LEU A 117 8.16 -5.01 -4.03
C LEU A 117 6.81 -4.54 -3.51
N ILE A 118 5.79 -5.37 -3.68
CA ILE A 118 4.44 -5.09 -3.26
C ILE A 118 4.11 -6.19 -2.23
N SER A 119 3.44 -5.83 -1.16
CA SER A 119 3.16 -6.82 -0.10
C SER A 119 1.80 -6.60 0.57
N GLY A 120 1.23 -7.67 1.13
CA GLY A 120 -0.03 -7.54 1.88
C GLY A 120 -0.67 -8.87 2.23
N TRP A 121 -1.80 -8.80 2.95
CA TRP A 121 -2.53 -9.96 3.41
C TRP A 121 -3.82 -10.14 2.61
N GLY A 122 -3.85 -9.62 1.38
CA GLY A 122 -5.05 -9.69 0.55
C GLY A 122 -5.30 -11.05 -0.08
N ASN A 123 -6.41 -11.14 -0.80
CA ASN A 123 -6.81 -12.39 -1.47
C ASN A 123 -5.69 -12.93 -2.37
N THR A 124 -5.50 -14.25 -2.35
CA THR A 124 -4.45 -14.89 -3.15
C THR A 124 -4.98 -15.58 -4.41
N LYS A 125 -6.28 -15.45 -4.69
CA LYS A 125 -6.89 -16.08 -5.88
C LYS A 125 -7.48 -15.04 -6.87
N SER A 126 -7.35 -15.31 -8.17
CA SER A 126 -7.94 -14.45 -9.21
CA SER A 126 -7.94 -14.45 -9.21
C SER A 126 -9.42 -14.78 -9.44
N SER A 127 -9.82 -15.98 -9.04
CA SER A 127 -11.22 -16.38 -9.06
C SER A 127 -11.47 -17.12 -7.73
N GLY A 128 -12.54 -16.79 -7.04
CA GLY A 128 -12.74 -17.39 -5.71
C GLY A 128 -11.96 -16.58 -4.68
N THR A 129 -11.96 -17.07 -3.44
CA THR A 129 -11.44 -16.29 -2.32
C THR A 129 -10.59 -17.18 -1.42
N SER A 130 -9.39 -16.71 -1.09
CA SER A 130 -8.62 -17.36 -0.05
C SER A 130 -7.70 -16.30 0.58
N TYR A 131 -7.92 -16.02 1.85
CA TYR A 131 -7.12 -14.99 2.52
C TYR A 131 -6.05 -15.66 3.38
N PRO A 132 -4.78 -15.27 3.17
CA PRO A 132 -3.66 -15.86 3.89
C PRO A 132 -3.56 -15.29 5.31
N ASP A 133 -2.97 -16.05 6.21
CA ASP A 133 -2.74 -15.55 7.53
C ASP A 133 -1.38 -14.84 7.59
N VAL A 134 -0.45 -15.20 6.71
CA VAL A 134 0.90 -14.61 6.76
C VAL A 134 1.14 -13.66 5.60
N LEU A 135 2.14 -12.81 5.72
CA LEU A 135 2.32 -11.74 4.72
C LEU A 135 2.86 -12.31 3.41
N LYS A 136 2.29 -11.87 2.29
CA LYS A 136 2.72 -12.31 0.95
C LYS A 136 3.41 -11.16 0.20
N CYS A 137 4.31 -11.51 -0.71
CA CYS A 137 5.17 -10.55 -1.40
C CYS A 137 5.13 -10.79 -2.89
N LEU A 138 5.35 -9.74 -3.68
CA LEU A 138 5.37 -9.89 -5.15
C LEU A 138 6.35 -8.89 -5.69
N LYS A 139 7.26 -9.35 -6.55
CA LYS A 139 8.15 -8.43 -7.27
C LYS A 139 7.51 -8.15 -8.62
N ALA A 140 7.35 -6.86 -8.94
CA ALA A 140 6.69 -6.46 -10.18
C ALA A 140 7.28 -5.17 -10.73
N PRO A 141 7.31 -5.02 -12.06
CA PRO A 141 7.85 -3.77 -12.62
C PRO A 141 6.78 -2.71 -12.79
N ILE A 142 7.22 -1.46 -12.79
CA ILE A 142 6.39 -0.32 -13.18
C ILE A 142 6.22 -0.35 -14.70
N LEU A 143 4.98 -0.20 -15.13
CA LEU A 143 4.65 -0.19 -16.57
C LEU A 143 4.69 1.21 -17.12
N SER A 144 4.90 1.31 -18.43
CA SER A 144 4.86 2.59 -19.07
C SER A 144 3.46 3.23 -18.97
N ASP A 145 3.45 4.55 -18.93
CA ASP A 145 2.22 5.35 -18.91
C ASP A 145 1.32 5.00 -20.10
N SER A 146 1.93 4.80 -21.27
CA SER A 146 1.18 4.42 -22.48
CA SER A 146 1.16 4.44 -22.47
C SER A 146 0.48 3.08 -22.33
N SER A 147 1.17 2.07 -21.79
CA SER A 147 0.54 0.77 -21.60
CA SER A 147 0.59 0.75 -21.55
C SER A 147 -0.53 0.83 -20.52
N CYS A 148 -0.31 1.65 -19.50
CA CYS A 148 -1.26 1.79 -18.40
C CYS A 148 -2.58 2.42 -18.92
N LYS A 149 -2.44 3.46 -19.72
CA LYS A 149 -3.58 4.19 -20.30
C LYS A 149 -4.29 3.36 -21.37
N SER A 150 -3.54 2.54 -22.08
CA SER A 150 -4.15 1.64 -23.04
CA SER A 150 -4.13 1.61 -23.05
C SER A 150 -4.96 0.55 -22.36
N ALA A 151 -4.52 0.10 -21.18
CA ALA A 151 -5.27 -0.91 -20.40
C ALA A 151 -6.55 -0.37 -19.78
N TYR A 152 -6.53 0.89 -19.34
CA TYR A 152 -7.64 1.55 -18.67
C TYR A 152 -7.96 2.90 -19.30
N PRO A 153 -8.51 2.88 -20.55
CA PRO A 153 -8.80 4.14 -21.25
C PRO A 153 -9.66 5.09 -20.42
N GLY A 154 -9.20 6.33 -20.33
CA GLY A 154 -9.99 7.41 -19.72
C GLY A 154 -10.01 7.41 -18.20
N GLN A 155 -9.18 6.56 -17.57
CA GLN A 155 -9.27 6.36 -16.12
C GLN A 155 -7.99 6.64 -15.35
N ILE A 156 -6.88 6.76 -16.06
CA ILE A 156 -5.59 6.96 -15.40
C ILE A 156 -5.24 8.45 -15.35
N THR A 157 -5.10 8.98 -14.14
CA THR A 157 -4.66 10.36 -13.98
C THR A 157 -3.12 10.44 -13.78
N SER A 158 -2.61 11.66 -13.71
CA SER A 158 -1.20 11.89 -13.45
C SER A 158 -0.77 11.42 -12.05
N ASN A 159 -1.76 11.11 -11.20
CA ASN A 159 -1.49 10.64 -9.83
C ASN A 159 -1.52 9.12 -9.64
N MET A 160 -1.48 8.38 -10.76
CA MET A 160 -1.57 6.93 -10.74
C MET A 160 -0.48 6.34 -11.63
N PHE A 161 -0.03 5.15 -11.28
CA PHE A 161 0.78 4.40 -12.24
C PHE A 161 0.34 2.96 -12.20
N CYS A 162 0.69 2.22 -13.25
CA CYS A 162 0.40 0.80 -13.32
C CYS A 162 1.65 0.00 -13.02
N ALA A 163 1.49 -1.09 -12.32
CA ALA A 163 2.62 -2.03 -12.11
C ALA A 163 2.12 -3.45 -12.16
N GLY A 164 2.96 -4.35 -12.67
CA GLY A 164 2.51 -5.69 -12.77
C GLY A 164 2.85 -6.32 -14.10
N TYR A 165 1.97 -7.21 -14.57
CA TYR A 165 2.23 -8.04 -15.75
C TYR A 165 1.00 -8.08 -16.63
N LEU A 166 1.15 -7.64 -17.87
CA LEU A 166 0.02 -7.60 -18.79
C LEU A 166 -0.53 -9.00 -19.12
N GLU A 167 0.32 -10.02 -18.97
CA GLU A 167 -0.08 -11.41 -19.19
C GLU A 167 -1.01 -11.96 -18.09
N GLY A 168 -1.09 -11.27 -16.95
CA GLY A 168 -1.96 -11.71 -15.85
C GLY A 168 -1.23 -12.72 -14.96
N GLY A 169 -1.93 -13.22 -13.95
CA GLY A 169 -1.40 -14.26 -13.06
C GLY A 169 -0.69 -13.78 -11.81
N LYS A 170 -0.22 -12.53 -11.81
CA LYS A 170 0.51 -11.94 -10.67
C LYS A 170 0.02 -10.50 -10.46
N ASP A 171 -0.47 -10.20 -9.26
CA ASP A 171 -1.07 -8.87 -8.99
C ASP A 171 -1.32 -8.72 -7.49
N SER A 172 -1.56 -7.49 -7.03
CA SER A 172 -2.20 -7.29 -5.73
C SER A 172 -3.74 -7.49 -5.87
N CYS A 173 -4.45 -7.50 -4.76
CA CYS A 173 -5.87 -7.86 -4.80
C CYS A 173 -6.59 -7.25 -3.58
N GLN A 174 -7.89 -7.47 -3.47
CA GLN A 174 -8.70 -6.97 -2.36
C GLN A 174 -8.02 -7.32 -1.04
N GLY A 175 -7.91 -6.35 -0.12
CA GLY A 175 -7.30 -6.65 1.15
C GLY A 175 -5.83 -6.24 1.18
N ASP A 176 -5.24 -6.05 0.00
CA ASP A 176 -3.90 -5.49 -0.10
C ASP A 176 -3.94 -3.96 -0.15
N SER A 177 -5.14 -3.41 -0.38
CA SER A 177 -5.35 -1.95 -0.47
C SER A 177 -4.69 -1.18 0.64
N GLY A 178 -4.03 -0.10 0.27
CA GLY A 178 -3.40 0.80 1.23
C GLY A 178 -1.94 0.45 1.47
N GLY A 179 -1.51 -0.71 0.99
CA GLY A 179 -0.20 -1.28 1.31
C GLY A 179 0.87 -0.66 0.41
N PRO A 180 2.15 -0.98 0.66
CA PRO A 180 3.34 -0.38 0.02
C PRO A 180 3.72 -0.97 -1.34
N VAL A 181 4.22 -0.08 -2.19
CA VAL A 181 5.01 -0.45 -3.36
C VAL A 181 6.35 0.24 -3.13
N VAL A 182 7.40 -0.53 -2.87
CA VAL A 182 8.73 0.01 -2.54
C VAL A 182 9.68 -0.32 -3.69
N CYS A 183 10.40 0.71 -4.16
CA CYS A 183 11.29 0.55 -5.32
C CYS A 183 12.58 1.21 -4.91
N SER A 184 13.70 0.49 -5.02
CA SER A 184 15.00 1.04 -4.65
C SER A 184 15.03 1.62 -3.23
N GLY A 185 14.31 0.94 -2.33
CA GLY A 185 14.31 1.29 -0.91
C GLY A 185 13.46 2.48 -0.56
N LYS A 186 12.61 2.92 -1.49
CA LYS A 186 11.78 4.12 -1.24
C LYS A 186 10.30 3.80 -1.48
N LEU A 187 9.38 4.47 -0.76
CA LEU A 187 7.94 4.21 -0.98
C LEU A 187 7.49 4.93 -2.25
N GLN A 188 7.16 4.22 -3.32
CA GLN A 188 6.73 4.90 -4.55
C GLN A 188 5.25 4.76 -4.83
N GLY A 189 4.62 3.74 -4.24
CA GLY A 189 3.21 3.48 -4.54
C GLY A 189 2.40 3.05 -3.36
N ILE A 190 1.08 3.25 -3.50
CA ILE A 190 0.10 2.71 -2.55
C ILE A 190 -0.86 1.87 -3.38
N VAL A 191 -1.13 0.66 -2.90
CA VAL A 191 -2.12 -0.22 -3.52
C VAL A 191 -3.51 0.42 -3.57
N SER A 192 -4.02 0.64 -4.78
CA SER A 192 -5.24 1.47 -4.95
C SER A 192 -6.38 0.69 -5.59
N TRP A 193 -6.25 0.33 -6.87
CA TRP A 193 -7.35 -0.36 -7.54
C TRP A 193 -6.94 -1.24 -8.71
N GLY A 194 -7.91 -1.91 -9.30
CA GLY A 194 -7.66 -2.73 -10.51
C GLY A 194 -8.97 -3.39 -10.86
N SER A 195 -9.09 -3.86 -12.10
CA SER A 195 -10.29 -4.58 -12.52
CA SER A 195 -10.28 -4.59 -12.55
C SER A 195 -10.10 -6.07 -12.24
N GLY A 196 -10.79 -6.61 -11.21
CA GLY A 196 -10.52 -7.97 -10.66
C GLY A 196 -9.08 -8.01 -10.19
N CYS A 197 -8.46 -9.19 -10.25
CA CYS A 197 -7.07 -9.37 -9.81
C CYS A 197 -6.40 -10.30 -10.76
N ALA A 198 -5.22 -9.91 -11.24
CA ALA A 198 -4.35 -10.82 -11.99
C ALA A 198 -4.96 -11.25 -13.34
N GLN A 199 -5.89 -10.43 -13.83
CA GLN A 199 -6.51 -10.67 -15.15
C GLN A 199 -5.61 -10.19 -16.27
N LYS A 200 -5.69 -10.86 -17.41
CA LYS A 200 -4.95 -10.40 -18.59
C LYS A 200 -5.29 -8.96 -18.99
N ASN A 201 -4.26 -8.17 -19.29
CA ASN A 201 -4.36 -6.79 -19.77
C ASN A 201 -5.04 -5.84 -18.77
N LYS A 202 -5.04 -6.25 -17.50
CA LYS A 202 -5.61 -5.47 -16.43
C LYS A 202 -4.68 -5.43 -15.23
N PRO A 203 -3.59 -4.64 -15.33
CA PRO A 203 -2.64 -4.62 -14.22
C PRO A 203 -3.16 -3.81 -13.04
N GLY A 204 -2.41 -3.86 -11.95
CA GLY A 204 -2.74 -3.06 -10.77
C GLY A 204 -2.46 -1.58 -10.99
N VAL A 205 -3.26 -0.73 -10.33
CA VAL A 205 -3.10 0.69 -10.39
C VAL A 205 -2.77 1.17 -8.98
N TYR A 206 -1.79 2.07 -8.91
CA TYR A 206 -1.18 2.49 -7.66
C TYR A 206 -1.14 4.00 -7.58
N THR A 207 -1.33 4.52 -6.36
CA THR A 207 -1.18 5.91 -6.11
C THR A 207 0.27 6.34 -6.21
N LYS A 208 0.54 7.36 -7.00
CA LYS A 208 1.92 7.81 -7.25
C LYS A 208 2.45 8.72 -6.15
N VAL A 209 3.12 8.09 -5.17
CA VAL A 209 3.49 8.77 -3.93
C VAL A 209 4.41 10.00 -4.16
N CYS A 210 5.25 9.98 -5.19
CA CYS A 210 6.20 11.09 -5.37
C CYS A 210 5.49 12.43 -5.59
N ASN A 211 4.23 12.40 -6.05
CA ASN A 211 3.45 13.65 -6.25
C ASN A 211 2.95 14.25 -4.94
N TYR A 212 3.06 13.49 -3.85
CA TYR A 212 2.48 13.86 -2.53
C TYR A 212 3.47 14.19 -1.43
N VAL A 213 4.76 14.19 -1.75
CA VAL A 213 5.77 14.36 -0.70
C VAL A 213 5.63 15.70 0.03
N SER A 214 5.38 16.81 -0.69
CA SER A 214 5.20 18.13 -0.08
CA SER A 214 5.25 18.10 -0.02
C SER A 214 4.02 18.15 0.88
N TRP A 215 2.89 17.60 0.42
CA TRP A 215 1.69 17.55 1.27
C TRP A 215 1.93 16.68 2.50
N ILE A 216 2.56 15.51 2.33
CA ILE A 216 2.86 14.65 3.47
C ILE A 216 3.77 15.39 4.49
N LYS A 217 4.83 16.01 4.00
CA LYS A 217 5.78 16.63 4.92
C LYS A 217 5.19 17.81 5.68
N GLN A 218 4.44 18.65 4.97
CA GLN A 218 3.79 19.82 5.55
C GLN A 218 2.75 19.39 6.58
N THR A 219 2.00 18.34 6.25
CA THR A 219 0.97 17.82 7.15
C THR A 219 1.57 17.29 8.45
N ILE A 220 2.60 16.47 8.32
CA ILE A 220 3.30 15.89 9.48
CA ILE A 220 3.25 15.89 9.50
C ILE A 220 3.86 16.98 10.39
N ALA A 221 4.41 18.01 9.77
CA ALA A 221 5.04 19.12 10.53
C ALA A 221 4.07 19.94 11.36
N SER A 222 2.77 19.84 11.05
CA SER A 222 1.77 20.68 11.70
C SER A 222 0.67 19.95 12.47
N ASN A 223 0.81 18.64 12.61
CA ASN A 223 -0.24 17.86 13.23
C ASN A 223 0.33 16.89 14.23
CA CA B . 0.69 -11.74 14.84
S SO4 C . 14.87 8.21 -4.79
O1 SO4 C . 15.51 8.76 -5.99
O2 SO4 C . 15.05 6.76 -4.78
O3 SO4 C . 15.51 8.79 -3.60
O4 SO4 C . 13.46 8.57 -4.78
C1 BEN D . -6.44 -4.59 -7.10
C2 BEN D . -5.92 -3.98 -5.98
C3 BEN D . -6.72 -3.54 -4.94
C4 BEN D . -8.10 -3.68 -5.05
C5 BEN D . -8.66 -4.25 -6.18
C6 BEN D . -7.83 -4.74 -7.20
C BEN D . -5.58 -5.04 -8.13
N1 BEN D . -4.27 -4.76 -8.16
N2 BEN D . -6.02 -5.80 -9.13
CAA TMO E . -11.59 9.33 14.26
NAC TMO E . -10.63 8.53 15.02
CAD TMO E . -9.28 9.14 14.97
CAB TMO E . -11.09 8.43 16.42
OAE TMO E . -10.55 7.19 14.44
CAA TMO F . -13.72 4.00 -11.58
NAC TMO F . -12.72 3.14 -10.93
CAD TMO F . -12.36 2.01 -11.81
CAB TMO F . -11.52 3.92 -10.61
OAE TMO F . -13.27 2.60 -9.69
CAA TMO G . -10.49 -2.00 -0.58
NAC TMO G . -10.57 -3.30 -1.24
CAD TMO G . -11.46 -4.18 -0.46
CAB TMO G . -11.08 -3.10 -2.60
OAE TMO G . -9.26 -3.92 -1.23
#